data_9CD1
#
_entry.id   9CD1
#
_cell.length_a   106.160
_cell.length_b   106.160
_cell.length_c   53.550
_cell.angle_alpha   90.000
_cell.angle_beta   90.000
_cell.angle_gamma   120.000
#
_symmetry.space_group_name_H-M   'P 32 2 1'
#
loop_
_entity.id
_entity.type
_entity.pdbx_description
1 polymer 'UDP-2,3-diacylglucosamine hydrolase'
2 non-polymer N-(4-{4-[6-chloro-4-(trifluoromethyl)pyridin-2-yl]piperazine-1-sulfonyl}phenyl)-2-[(methanesulfonyl)(methyl)amino]benzamide
3 non-polymer 'MANGANESE (II) ION'
4 water water
#
_entity_poly.entity_id   1
_entity_poly.type   'polypeptide(L)'
_entity_poly.pdbx_seq_one_letter_code
;MATLFIADLHLQTEEPAITAGFLRFLQGEARQADALYILGDLFEAWIGDDDPNPLHQQIASAIKAVVDAGVPCYFIHGNR
DFLVGQRFARQSGMILLAEEERLDLYGREVLIMHGDTLCTDDQGYLAFRAKVHTPWIQRLFLALPLFIRHRIAARMRADS
KAANSSKSMEIMDVNPQAVVDAMERHHVQWLIHGHTHRPAVHELQANGQPAWRVVLGAWHSEGSMVKVTPDDVELIHFPF
LEENLYFQSHHHHHHHHHH
;
_entity_poly.pdbx_strand_id   A
#
# COMPACT_ATOMS: atom_id res chain seq x y z
N ALA A 2 11.38 13.61 7.07
CA ALA A 2 11.37 12.36 6.31
C ALA A 2 9.96 12.01 5.84
N THR A 3 9.87 11.30 4.72
CA THR A 3 8.60 10.84 4.16
C THR A 3 8.57 9.31 4.23
N LEU A 4 7.43 8.78 4.68
CA LEU A 4 7.29 7.35 4.95
C LEU A 4 6.41 6.69 3.91
N PHE A 5 6.74 5.45 3.57
CA PHE A 5 5.98 4.64 2.62
C PHE A 5 5.75 3.26 3.22
N ILE A 6 4.51 2.78 3.14
CA ILE A 6 4.15 1.44 3.57
C ILE A 6 3.18 0.86 2.56
N ALA A 7 3.04 -0.45 2.59
CA ALA A 7 2.11 -1.15 1.70
C ALA A 7 1.97 -2.59 2.17
N ASP A 8 0.96 -3.26 1.61
CA ASP A 8 0.78 -4.70 1.77
C ASP A 8 0.65 -5.10 3.24
N LEU A 9 -0.14 -4.33 3.99
CA LEU A 9 -0.45 -4.70 5.37
C LEU A 9 -1.49 -5.81 5.41
N HIS A 10 -2.41 -5.83 4.45
CA HIS A 10 -3.44 -6.86 4.35
C HIS A 10 -4.21 -7.00 5.66
N LEU A 11 -4.66 -5.86 6.19
CA LEU A 11 -5.37 -5.85 7.47
C LEU A 11 -6.66 -6.64 7.38
N GLN A 12 -6.94 -7.41 8.42
CA GLN A 12 -8.15 -8.22 8.51
C GLN A 12 -8.41 -8.52 9.98
N THR A 13 -9.68 -8.72 10.31
CA THR A 13 -10.03 -8.96 11.72
C THR A 13 -9.44 -10.26 12.24
N GLU A 14 -9.14 -11.22 11.35
CA GLU A 14 -8.54 -12.48 11.78
C GLU A 14 -7.07 -12.34 12.14
N GLU A 15 -6.45 -11.18 11.88
CA GLU A 15 -5.04 -10.94 12.19
C GLU A 15 -4.92 -9.71 13.09
N PRO A 16 -5.37 -9.80 14.34
CA PRO A 16 -5.36 -8.61 15.21
C PRO A 16 -3.96 -8.11 15.53
N ALA A 17 -2.93 -8.96 15.44
CA ALA A 17 -1.58 -8.51 15.75
C ALA A 17 -1.09 -7.50 14.74
N ILE A 18 -1.41 -7.69 13.46
CA ILE A 18 -1.02 -6.72 12.44
C ILE A 18 -1.74 -5.39 12.66
N THR A 19 -3.04 -5.45 13.00
CA THR A 19 -3.78 -4.24 13.31
C THR A 19 -3.16 -3.51 14.50
N ALA A 20 -2.79 -4.26 15.54
CA ALA A 20 -2.14 -3.63 16.70
C ALA A 20 -0.82 -2.99 16.31
N GLY A 21 -0.04 -3.65 15.45
CA GLY A 21 1.22 -3.08 15.03
C GLY A 21 1.04 -1.81 14.22
N PHE A 22 0.02 -1.78 13.37
CA PHE A 22 -0.22 -0.60 12.54
C PHE A 22 -0.69 0.58 13.39
N LEU A 23 -1.51 0.32 14.42
CA LEU A 23 -1.94 1.40 15.31
C LEU A 23 -0.76 1.97 16.09
N ARG A 24 0.16 1.11 16.53
CA ARG A 24 1.36 1.59 17.20
C ARG A 24 2.20 2.44 16.26
N PHE A 25 2.32 2.01 15.00
CA PHE A 25 3.05 2.79 14.01
C PHE A 25 2.42 4.16 13.79
N LEU A 26 1.08 4.20 13.69
CA LEU A 26 0.39 5.47 13.48
C LEU A 26 0.53 6.38 14.70
N GLN A 27 0.55 5.80 15.90
CA GLN A 27 0.64 6.59 17.13
C GLN A 27 2.05 7.10 17.39
N GLY A 28 3.07 6.47 16.81
CA GLY A 28 4.44 6.85 17.09
C GLY A 28 5.18 7.41 15.90
N GLU A 29 5.75 6.52 15.08
CA GLU A 29 6.61 6.94 13.97
C GLU A 29 5.89 7.89 13.03
N ALA A 30 4.65 7.56 12.66
CA ALA A 30 3.94 8.33 11.63
C ALA A 30 3.76 9.78 12.03
N ARG A 31 3.64 10.07 13.33
CA ARG A 31 3.39 11.43 13.78
C ARG A 31 4.56 12.37 13.49
N GLN A 32 5.78 11.83 13.33
CA GLN A 32 6.96 12.64 13.09
C GLN A 32 7.28 12.81 11.62
N ALA A 33 6.50 12.21 10.73
CA ALA A 33 6.81 12.23 9.31
C ALA A 33 6.32 13.52 8.66
N ASP A 34 6.97 13.87 7.54
CA ASP A 34 6.46 14.96 6.72
C ASP A 34 5.18 14.55 5.99
N ALA A 35 5.05 13.26 5.67
CA ALA A 35 3.90 12.72 4.96
C ALA A 35 3.95 11.20 5.06
N LEU A 36 2.79 10.57 4.87
CA LEU A 36 2.67 9.12 4.90
C LEU A 36 1.97 8.67 3.63
N TYR A 37 2.62 7.80 2.87
CA TYR A 37 2.06 7.22 1.66
C TYR A 37 1.80 5.73 1.87
N ILE A 38 0.58 5.30 1.57
CA ILE A 38 0.19 3.90 1.66
C ILE A 38 -0.03 3.42 0.24
N LEU A 39 0.88 2.58 -0.26
CA LEU A 39 0.91 2.18 -1.66
C LEU A 39 0.14 0.89 -1.93
N GLY A 40 -1.07 0.74 -1.40
CA GLY A 40 -1.93 -0.34 -1.82
C GLY A 40 -1.89 -1.53 -0.87
N ASP A 41 -2.96 -2.32 -0.94
CA ASP A 41 -3.13 -3.51 -0.11
C ASP A 41 -3.06 -3.17 1.38
N LEU A 42 -3.65 -2.04 1.75
CA LEU A 42 -3.82 -1.74 3.17
C LEU A 42 -4.74 -2.76 3.83
N PHE A 43 -5.81 -3.14 3.14
CA PHE A 43 -6.75 -4.15 3.63
C PHE A 43 -6.65 -5.40 2.79
N GLU A 44 -6.91 -6.56 3.42
CA GLU A 44 -6.93 -7.82 2.71
C GLU A 44 -8.09 -7.89 1.71
N ALA A 45 -9.17 -7.17 1.98
CA ALA A 45 -10.33 -7.18 1.10
C ALA A 45 -11.10 -5.88 1.26
N TRP A 46 -11.88 -5.55 0.24
CA TRP A 46 -12.76 -4.38 0.29
C TRP A 46 -13.89 -4.59 -0.69
N ILE A 47 -15.13 -4.43 -0.20
CA ILE A 47 -16.32 -4.60 -1.02
C ILE A 47 -17.16 -3.33 -1.10
N GLY A 48 -16.64 -2.22 -0.60
CA GLY A 48 -17.34 -0.94 -0.67
C GLY A 48 -17.23 -0.16 0.63
N ASP A 49 -17.30 1.16 0.51
CA ASP A 49 -17.18 2.05 1.68
C ASP A 49 -18.38 2.00 2.60
N ASP A 50 -19.49 1.40 2.19
CA ASP A 50 -20.66 1.28 3.04
C ASP A 50 -20.60 0.05 3.93
N ASP A 51 -19.52 -0.72 3.86
CA ASP A 51 -19.33 -1.89 4.70
C ASP A 51 -19.21 -1.48 6.16
N PRO A 52 -20.06 -2.00 7.05
CA PRO A 52 -19.99 -1.59 8.46
C PRO A 52 -18.93 -2.30 9.28
N ASN A 53 -18.03 -3.07 8.66
CA ASN A 53 -16.93 -3.76 9.32
C ASN A 53 -16.25 -2.82 10.30
N PRO A 54 -16.31 -3.10 11.60
CA PRO A 54 -15.74 -2.16 12.59
C PRO A 54 -14.26 -1.90 12.41
N LEU A 55 -13.51 -2.88 11.89
CA LEU A 55 -12.09 -2.64 11.62
C LEU A 55 -11.89 -1.44 10.71
N HIS A 56 -12.77 -1.25 9.73
CA HIS A 56 -12.66 -0.12 8.83
C HIS A 56 -12.77 1.20 9.57
N GLN A 57 -13.71 1.29 10.53
CA GLN A 57 -13.88 2.53 11.26
C GLN A 57 -12.74 2.76 12.25
N GLN A 58 -12.19 1.68 12.82
CA GLN A 58 -11.04 1.82 13.71
C GLN A 58 -9.80 2.30 12.96
N ILE A 59 -9.56 1.74 11.77
CA ILE A 59 -8.42 2.18 10.98
C ILE A 59 -8.60 3.62 10.51
N ALA A 60 -9.82 3.98 10.10
CA ALA A 60 -10.08 5.34 9.62
C ALA A 60 -9.82 6.36 10.73
N SER A 61 -10.28 6.07 11.95
N SER A 61 -10.27 6.07 11.95
N SER A 61 -10.28 6.07 11.95
CA SER A 61 -10.08 6.99 13.05
CA SER A 61 -10.07 7.01 13.05
CA SER A 61 -10.07 7.01 13.05
C SER A 61 -8.60 7.14 13.39
C SER A 61 -8.60 7.13 13.41
C SER A 61 -8.60 7.13 13.42
N ALA A 62 -7.84 6.04 13.32
CA ALA A 62 -6.42 6.09 13.66
C ALA A 62 -5.64 6.88 12.62
N ILE A 63 -5.95 6.69 11.34
CA ILE A 63 -5.30 7.48 10.30
C ILE A 63 -5.71 8.95 10.41
N LYS A 64 -6.99 9.20 10.70
CA LYS A 64 -7.46 10.56 10.83
C LYS A 64 -6.74 11.30 11.95
N ALA A 65 -6.36 10.60 13.02
CA ALA A 65 -5.61 11.22 14.10
C ALA A 65 -4.23 11.66 13.63
N VAL A 66 -3.59 10.87 12.76
CA VAL A 66 -2.32 11.28 12.18
C VAL A 66 -2.51 12.50 11.29
N VAL A 67 -3.58 12.49 10.48
CA VAL A 67 -3.87 13.63 9.61
C VAL A 67 -4.12 14.88 10.46
N ASP A 68 -4.92 14.74 11.52
CA ASP A 68 -5.19 15.89 12.38
C ASP A 68 -3.92 16.39 13.09
N ALA A 69 -2.94 15.52 13.27
CA ALA A 69 -1.67 15.91 13.88
C ALA A 69 -0.77 16.66 12.91
N GLY A 70 -1.20 16.89 11.67
CA GLY A 70 -0.45 17.66 10.72
C GLY A 70 0.30 16.88 9.67
N VAL A 71 0.10 15.57 9.59
CA VAL A 71 0.82 14.71 8.67
C VAL A 71 -0.13 14.31 7.54
N PRO A 72 0.02 14.87 6.34
CA PRO A 72 -0.85 14.46 5.22
C PRO A 72 -0.62 12.99 4.88
N CYS A 73 -1.71 12.29 4.60
CA CYS A 73 -1.69 10.85 4.33
C CYS A 73 -2.30 10.59 2.96
N TYR A 74 -1.64 9.76 2.16
CA TYR A 74 -2.04 9.49 0.79
C TYR A 74 -2.20 7.99 0.57
N PHE A 75 -3.04 7.64 -0.40
CA PHE A 75 -3.37 6.24 -0.66
C PHE A 75 -3.40 5.97 -2.16
N ILE A 76 -2.66 4.95 -2.58
CA ILE A 76 -2.78 4.37 -3.91
C ILE A 76 -3.39 2.99 -3.75
N HIS A 77 -4.32 2.64 -4.64
CA HIS A 77 -5.03 1.37 -4.52
C HIS A 77 -4.12 0.19 -4.81
N GLY A 78 -4.38 -0.92 -4.13
CA GLY A 78 -3.80 -2.20 -4.47
C GLY A 78 -4.81 -3.10 -5.17
N ASN A 79 -4.37 -4.32 -5.46
CA ASN A 79 -5.26 -5.28 -6.10
C ASN A 79 -6.28 -5.85 -5.11
N ARG A 80 -6.01 -5.78 -3.81
CA ARG A 80 -6.96 -6.29 -2.83
C ARG A 80 -8.03 -5.25 -2.48
N ASP A 81 -7.66 -3.98 -2.42
CA ASP A 81 -8.56 -2.93 -1.94
C ASP A 81 -8.78 -1.84 -2.98
N PHE A 82 -8.98 -2.24 -4.24
CA PHE A 82 -9.21 -1.28 -5.31
C PHE A 82 -10.56 -0.57 -5.18
N LEU A 83 -11.47 -1.05 -4.35
CA LEU A 83 -12.77 -0.41 -4.21
C LEU A 83 -12.82 0.63 -3.10
N VAL A 84 -11.68 0.93 -2.45
CA VAL A 84 -11.64 2.00 -1.47
C VAL A 84 -11.99 3.31 -2.16
N GLY A 85 -13.03 3.99 -1.68
CA GLY A 85 -13.51 5.17 -2.36
C GLY A 85 -13.45 6.46 -1.55
N GLN A 86 -14.20 7.47 -2.01
CA GLN A 86 -14.09 8.80 -1.43
C GLN A 86 -14.74 8.89 -0.05
N ARG A 87 -15.74 8.03 0.22
CA ARG A 87 -16.33 8.02 1.55
C ARG A 87 -15.30 7.62 2.61
N PHE A 88 -14.53 6.57 2.35
CA PHE A 88 -13.49 6.17 3.29
C PHE A 88 -12.36 7.20 3.33
N ALA A 89 -12.06 7.82 2.19
CA ALA A 89 -11.06 8.89 2.18
C ALA A 89 -11.44 10.02 3.12
N ARG A 90 -12.72 10.39 3.11
CA ARG A 90 -13.19 11.46 3.99
C ARG A 90 -13.16 11.02 5.46
N GLN A 91 -13.58 9.79 5.75
CA GLN A 91 -13.58 9.30 7.13
C GLN A 91 -12.16 9.24 7.69
N SER A 92 -11.19 8.88 6.86
CA SER A 92 -9.81 8.71 7.30
C SER A 92 -8.96 9.96 7.14
N GLY A 93 -9.43 10.95 6.37
CA GLY A 93 -8.60 12.09 6.05
C GLY A 93 -7.54 11.84 4.99
N MET A 94 -7.54 10.66 4.37
CA MET A 94 -6.55 10.37 3.34
C MET A 94 -6.95 10.98 2.01
N ILE A 95 -5.94 11.24 1.17
CA ILE A 95 -6.13 11.71 -0.19
C ILE A 95 -5.87 10.55 -1.13
N LEU A 96 -6.82 10.29 -2.03
CA LEU A 96 -6.67 9.20 -2.99
C LEU A 96 -5.85 9.66 -4.19
N LEU A 97 -4.84 8.88 -4.55
CA LEU A 97 -3.97 9.18 -5.67
C LEU A 97 -4.23 8.19 -6.81
N ALA A 98 -3.67 8.53 -7.97
CA ALA A 98 -3.80 7.67 -9.14
C ALA A 98 -2.90 6.44 -9.00
N GLU A 99 -3.04 5.50 -9.93
CA GLU A 99 -2.26 4.28 -9.87
C GLU A 99 -0.76 4.55 -10.05
N GLU A 100 -0.40 5.65 -10.69
CA GLU A 100 0.98 6.09 -10.79
C GLU A 100 1.05 7.56 -10.42
N GLU A 101 2.03 7.93 -9.61
CA GLU A 101 2.27 9.33 -9.26
C GLU A 101 3.77 9.59 -9.23
N ARG A 102 4.15 10.80 -9.62
CA ARG A 102 5.54 11.25 -9.56
C ARG A 102 5.65 12.28 -8.44
N LEU A 103 6.55 12.04 -7.50
CA LEU A 103 6.73 12.89 -6.34
C LEU A 103 8.09 13.57 -6.38
N ASP A 104 8.17 14.75 -5.79
CA ASP A 104 9.43 15.40 -5.49
C ASP A 104 9.69 15.21 -4.00
N LEU A 105 10.68 14.37 -3.68
CA LEU A 105 11.06 14.10 -2.29
C LEU A 105 12.44 14.72 -2.07
N TYR A 106 12.45 15.94 -1.54
CA TYR A 106 13.69 16.63 -1.17
C TYR A 106 14.64 16.76 -2.35
N GLY A 107 14.07 16.98 -3.55
CA GLY A 107 14.83 17.10 -4.76
C GLY A 107 14.82 15.88 -5.64
N ARG A 108 14.55 14.71 -5.08
CA ARG A 108 14.48 13.48 -5.86
C ARG A 108 13.14 13.40 -6.58
N GLU A 109 13.17 13.05 -7.86
CA GLU A 109 11.96 12.69 -8.59
C GLU A 109 11.71 11.20 -8.40
N VAL A 110 10.59 10.86 -7.76
CA VAL A 110 10.31 9.48 -7.35
C VAL A 110 8.93 9.08 -7.86
N LEU A 111 8.88 7.94 -8.54
CA LEU A 111 7.63 7.36 -9.01
C LEU A 111 7.12 6.34 -7.99
N ILE A 112 5.82 6.39 -7.70
CA ILE A 112 5.21 5.46 -6.76
C ILE A 112 4.00 4.80 -7.42
N MET A 113 3.76 3.55 -7.03
CA MET A 113 2.66 2.74 -7.53
C MET A 113 2.57 1.51 -6.63
N HIS A 114 1.45 0.78 -6.76
CA HIS A 114 1.34 -0.46 -6.01
C HIS A 114 2.32 -1.50 -6.52
N GLY A 115 2.52 -1.57 -7.84
CA GLY A 115 3.47 -2.47 -8.45
C GLY A 115 2.87 -3.61 -9.23
N ASP A 116 1.56 -3.86 -9.10
CA ASP A 116 0.96 -4.98 -9.82
C ASP A 116 0.93 -4.74 -11.33
N THR A 117 0.88 -3.48 -11.75
CA THR A 117 0.90 -3.16 -13.18
C THR A 117 2.26 -3.43 -13.81
N LEU A 118 3.30 -3.67 -13.02
CA LEU A 118 4.59 -4.06 -13.56
C LEU A 118 4.70 -5.55 -13.82
N CYS A 119 3.68 -6.33 -13.43
CA CYS A 119 3.72 -7.78 -13.54
C CYS A 119 3.05 -8.22 -14.85
N THR A 120 3.61 -7.71 -15.95
CA THR A 120 3.01 -7.86 -17.28
C THR A 120 3.11 -9.28 -17.84
N ASP A 121 3.77 -10.21 -17.13
CA ASP A 121 3.80 -11.60 -17.59
C ASP A 121 2.59 -12.39 -17.12
N ASP A 122 1.94 -11.95 -16.04
CA ASP A 122 0.76 -12.65 -15.49
C ASP A 122 -0.47 -12.16 -16.25
N GLN A 123 -0.70 -12.77 -17.42
CA GLN A 123 -1.86 -12.40 -18.22
C GLN A 123 -3.16 -12.78 -17.53
N GLY A 124 -3.14 -13.80 -16.67
CA GLY A 124 -4.34 -14.17 -15.94
C GLY A 124 -4.76 -13.11 -14.94
N TYR A 125 -3.80 -12.54 -14.21
CA TYR A 125 -4.15 -11.48 -13.28
C TYR A 125 -4.52 -10.20 -14.02
N LEU A 126 -3.80 -9.89 -15.11
CA LEU A 126 -4.06 -8.67 -15.86
C LEU A 126 -5.48 -8.67 -16.42
N ALA A 127 -5.98 -9.84 -16.83
CA ALA A 127 -7.36 -9.93 -17.28
C ALA A 127 -8.33 -9.65 -16.13
N PHE A 128 -8.06 -10.21 -14.95
CA PHE A 128 -8.85 -9.89 -13.77
C PHE A 128 -8.82 -8.39 -13.48
N ARG A 129 -7.63 -7.80 -13.50
CA ARG A 129 -7.50 -6.37 -13.18
C ARG A 129 -8.28 -5.51 -14.17
N ALA A 130 -8.22 -5.85 -15.46
CA ALA A 130 -8.96 -5.08 -16.46
C ALA A 130 -10.45 -5.13 -16.21
N LYS A 131 -10.96 -6.29 -15.76
CA LYS A 131 -12.39 -6.43 -15.50
C LYS A 131 -12.81 -5.61 -14.29
N VAL A 132 -12.18 -5.83 -13.14
CA VAL A 132 -12.60 -5.16 -11.91
C VAL A 132 -12.26 -3.68 -11.89
N HIS A 133 -11.49 -3.19 -12.87
CA HIS A 133 -11.26 -1.76 -13.00
C HIS A 133 -12.14 -1.12 -14.06
N THR A 134 -13.03 -1.89 -14.67
CA THR A 134 -13.98 -1.32 -15.61
C THR A 134 -15.07 -0.57 -14.85
N PRO A 135 -15.33 0.70 -15.17
CA PRO A 135 -16.25 1.49 -14.34
C PRO A 135 -17.64 0.90 -14.20
N TRP A 136 -18.24 0.39 -15.28
CA TRP A 136 -19.59 -0.14 -15.16
C TRP A 136 -19.60 -1.46 -14.37
N ILE A 137 -18.51 -2.21 -14.39
CA ILE A 137 -18.44 -3.41 -13.57
C ILE A 137 -18.36 -3.05 -12.10
N GLN A 138 -17.57 -2.02 -11.76
CA GLN A 138 -17.49 -1.58 -10.37
C GLN A 138 -18.83 -1.05 -9.87
N ARG A 139 -19.50 -0.23 -10.69
N ARG A 139 -19.50 -0.23 -10.69
CA ARG A 139 -20.79 0.33 -10.28
CA ARG A 139 -20.78 0.33 -10.27
C ARG A 139 -21.83 -0.78 -10.09
C ARG A 139 -21.84 -0.76 -10.12
N LEU A 140 -21.79 -1.80 -10.94
CA LEU A 140 -22.74 -2.90 -10.82
C LEU A 140 -22.51 -3.70 -9.55
N PHE A 141 -21.24 -3.98 -9.23
CA PHE A 141 -20.93 -4.72 -8.01
C PHE A 141 -21.32 -3.94 -6.76
N LEU A 142 -20.97 -2.65 -6.73
CA LEU A 142 -21.28 -1.82 -5.57
C LEU A 142 -22.77 -1.63 -5.37
N ALA A 143 -23.57 -1.77 -6.43
CA ALA A 143 -25.01 -1.65 -6.30
C ALA A 143 -25.66 -2.88 -5.65
N LEU A 144 -24.94 -4.00 -5.61
CA LEU A 144 -25.50 -5.21 -5.01
C LEU A 144 -25.66 -5.04 -3.50
N PRO A 145 -26.59 -5.76 -2.88
CA PRO A 145 -26.72 -5.70 -1.43
C PRO A 145 -25.43 -6.14 -0.74
N LEU A 146 -25.21 -5.60 0.46
CA LEU A 146 -23.97 -5.86 1.19
C LEU A 146 -23.77 -7.35 1.42
N PHE A 147 -24.81 -8.06 1.84
CA PHE A 147 -24.65 -9.48 2.14
C PHE A 147 -24.36 -10.29 0.88
N ILE A 148 -24.82 -9.81 -0.28
CA ILE A 148 -24.46 -10.46 -1.54
C ILE A 148 -22.98 -10.23 -1.86
N ARG A 149 -22.52 -8.99 -1.68
CA ARG A 149 -21.11 -8.69 -1.95
C ARG A 149 -20.19 -9.48 -1.05
N HIS A 150 -20.57 -9.64 0.22
CA HIS A 150 -19.77 -10.45 1.15
C HIS A 150 -19.67 -11.89 0.67
N ARG A 151 -20.78 -12.46 0.19
CA ARG A 151 -20.77 -13.84 -0.28
C ARG A 151 -19.92 -14.00 -1.54
N ILE A 152 -20.00 -13.02 -2.44
CA ILE A 152 -19.19 -13.06 -3.65
C ILE A 152 -17.70 -12.99 -3.30
N ALA A 153 -17.35 -12.07 -2.40
CA ALA A 153 -15.94 -11.86 -2.05
C ALA A 153 -15.36 -13.08 -1.35
N ALA A 154 -16.15 -13.73 -0.49
CA ALA A 154 -15.66 -14.91 0.20
C ALA A 154 -15.35 -16.04 -0.78
N ARG A 155 -16.17 -16.19 -1.81
CA ARG A 155 -15.90 -17.21 -2.83
C ARG A 155 -14.77 -16.79 -3.76
N MET A 156 -14.72 -15.51 -4.14
CA MET A 156 -13.72 -15.05 -5.09
C MET A 156 -12.32 -15.07 -4.49
N ARG A 157 -12.20 -14.81 -3.18
CA ARG A 157 -10.89 -14.88 -2.53
C ARG A 157 -10.30 -16.28 -2.64
N ALA A 158 -11.12 -17.30 -2.40
CA ALA A 158 -10.67 -18.67 -2.57
C ALA A 158 -10.39 -18.98 -4.04
N ASP A 159 -11.11 -18.34 -4.96
CA ASP A 159 -10.89 -18.59 -6.38
C ASP A 159 -9.55 -18.01 -6.84
N SER A 160 -9.26 -16.77 -6.45
CA SER A 160 -8.00 -16.13 -6.83
C SER A 160 -6.81 -16.84 -6.20
N ILE A 171 2.59 -14.85 -5.52
CA ILE A 171 2.59 -13.63 -6.32
C ILE A 171 3.79 -13.62 -7.26
N MET A 172 3.53 -13.46 -8.55
CA MET A 172 4.62 -13.37 -9.52
C MET A 172 5.35 -12.03 -9.38
N ASP A 173 6.52 -11.96 -10.00
CA ASP A 173 7.39 -10.80 -9.88
C ASP A 173 7.21 -9.86 -11.07
N VAL A 174 7.89 -8.72 -11.01
CA VAL A 174 7.73 -7.69 -12.03
C VAL A 174 8.49 -8.08 -13.29
N ASN A 175 8.06 -7.52 -14.41
CA ASN A 175 8.76 -7.66 -15.68
C ASN A 175 9.85 -6.59 -15.76
N PRO A 176 11.10 -6.98 -16.04
CA PRO A 176 12.18 -5.97 -16.05
C PRO A 176 11.96 -4.84 -17.03
N GLN A 177 11.45 -5.13 -18.23
CA GLN A 177 11.23 -4.08 -19.22
C GLN A 177 10.07 -3.18 -18.83
N ALA A 178 9.05 -3.72 -18.15
CA ALA A 178 7.97 -2.89 -17.66
C ALA A 178 8.49 -1.84 -16.68
N VAL A 179 9.50 -2.19 -15.89
CA VAL A 179 10.09 -1.24 -14.95
C VAL A 179 10.78 -0.11 -15.69
N VAL A 180 11.62 -0.45 -16.67
CA VAL A 180 12.32 0.57 -17.45
C VAL A 180 11.32 1.47 -18.17
N ASP A 181 10.26 0.88 -18.73
N ASP A 181 10.25 0.88 -18.72
CA ASP A 181 9.27 1.67 -19.46
CA ASP A 181 9.27 1.67 -19.46
C ASP A 181 8.59 2.68 -18.55
C ASP A 181 8.57 2.68 -18.55
N ALA A 182 8.20 2.26 -17.35
CA ALA A 182 7.53 3.18 -16.42
C ALA A 182 8.48 4.27 -15.95
N MET A 183 9.73 3.89 -15.67
CA MET A 183 10.69 4.85 -15.12
C MET A 183 11.13 5.86 -16.18
N GLU A 184 11.06 5.50 -17.45
CA GLU A 184 11.37 6.42 -18.52
C GLU A 184 10.16 7.21 -18.98
N ARG A 185 8.96 6.63 -18.87
CA ARG A 185 7.74 7.40 -19.11
C ARG A 185 7.68 8.61 -18.18
N HIS A 186 8.05 8.42 -16.91
CA HIS A 186 8.03 9.48 -15.91
C HIS A 186 9.37 10.17 -15.75
N HIS A 187 10.41 9.67 -16.43
CA HIS A 187 11.75 10.28 -16.41
C HIS A 187 12.26 10.42 -14.98
N VAL A 188 12.27 9.30 -14.26
CA VAL A 188 12.71 9.26 -12.88
C VAL A 188 13.86 8.27 -12.74
N GLN A 189 14.65 8.46 -11.68
CA GLN A 189 15.70 7.52 -11.31
C GLN A 189 15.36 6.73 -10.05
N TRP A 190 14.18 6.94 -9.48
CA TRP A 190 13.76 6.27 -8.26
C TRP A 190 12.33 5.80 -8.40
N LEU A 191 12.06 4.58 -7.94
CA LEU A 191 10.73 3.99 -7.98
C LEU A 191 10.50 3.20 -6.70
N ILE A 192 9.36 3.44 -6.06
CA ILE A 192 8.97 2.73 -4.85
C ILE A 192 7.63 2.05 -5.12
N HIS A 193 7.55 0.76 -4.78
CA HIS A 193 6.30 0.02 -4.95
C HIS A 193 6.27 -1.14 -3.98
N GLY A 194 5.13 -1.82 -3.94
CA GLY A 194 4.97 -3.03 -3.15
C GLY A 194 4.46 -4.18 -3.98
N HIS A 195 3.37 -4.81 -3.52
CA HIS A 195 2.67 -5.89 -4.21
C HIS A 195 3.45 -7.21 -4.25
N THR A 196 4.73 -7.17 -4.62
CA THR A 196 5.47 -8.41 -4.80
C THR A 196 5.91 -9.05 -3.49
N HIS A 197 5.85 -8.32 -2.38
CA HIS A 197 6.19 -8.85 -1.05
C HIS A 197 7.65 -9.30 -1.00
N ARG A 198 8.52 -8.66 -1.78
CA ARG A 198 9.93 -9.01 -1.84
C ARG A 198 10.75 -7.75 -1.56
N PRO A 199 10.88 -7.35 -0.30
CA PRO A 199 11.59 -6.11 0.02
C PRO A 199 13.04 -6.17 -0.45
N ALA A 200 13.44 -5.15 -1.21
CA ALA A 200 14.75 -5.14 -1.84
C ALA A 200 15.01 -3.76 -2.44
N VAL A 201 16.26 -3.55 -2.86
CA VAL A 201 16.68 -2.36 -3.58
C VAL A 201 17.40 -2.84 -4.84
N HIS A 202 16.77 -2.64 -5.99
CA HIS A 202 17.31 -3.09 -7.27
C HIS A 202 17.92 -1.91 -8.01
N GLU A 203 19.17 -2.06 -8.45
CA GLU A 203 19.81 -1.08 -9.30
C GLU A 203 19.60 -1.45 -10.77
N LEU A 204 19.27 -0.45 -11.57
CA LEU A 204 19.08 -0.64 -13.00
C LEU A 204 19.56 0.62 -13.72
N GLN A 205 19.29 0.69 -15.02
CA GLN A 205 19.58 1.90 -15.80
C GLN A 205 18.29 2.38 -16.47
N ALA A 206 18.01 3.67 -16.32
CA ALA A 206 16.86 4.29 -16.95
C ALA A 206 17.23 5.71 -17.30
N ASN A 207 16.79 6.16 -18.48
CA ASN A 207 17.12 7.49 -19.00
C ASN A 207 18.64 7.68 -19.09
N GLY A 208 19.34 6.61 -19.47
CA GLY A 208 20.78 6.67 -19.64
C GLY A 208 21.57 6.92 -18.37
N GLN A 209 20.96 6.69 -17.21
CA GLN A 209 21.58 6.96 -15.92
C GLN A 209 21.19 5.85 -14.95
N PRO A 210 21.99 5.64 -13.90
CA PRO A 210 21.61 4.65 -12.88
C PRO A 210 20.27 4.99 -12.26
N ALA A 211 19.49 3.95 -11.97
CA ALA A 211 18.17 4.10 -11.37
C ALA A 211 17.97 2.97 -10.37
N TRP A 212 17.00 3.17 -9.47
CA TRP A 212 16.77 2.22 -8.38
C TRP A 212 15.29 1.96 -8.19
N ARG A 213 14.96 0.69 -7.97
CA ARG A 213 13.59 0.24 -7.68
C ARG A 213 13.58 -0.31 -6.26
N VAL A 214 12.86 0.38 -5.37
CA VAL A 214 12.78 0.01 -3.97
C VAL A 214 11.44 -0.68 -3.73
N VAL A 215 11.49 -1.85 -3.11
CA VAL A 215 10.31 -2.69 -2.93
C VAL A 215 10.00 -2.80 -1.44
N LEU A 216 8.75 -2.58 -1.08
CA LEU A 216 8.30 -2.70 0.30
C LEU A 216 8.02 -4.15 0.64
N GLY A 217 8.00 -4.44 1.94
CA GLY A 217 7.66 -5.76 2.44
C GLY A 217 6.23 -5.81 2.93
N ALA A 218 5.67 -7.01 2.91
CA ALA A 218 4.34 -7.23 3.49
C ALA A 218 4.46 -7.37 5.00
N TRP A 219 3.38 -7.03 5.71
CA TRP A 219 3.35 -7.12 7.16
C TRP A 219 2.91 -8.52 7.55
N HIS A 220 3.84 -9.47 7.44
CA HIS A 220 3.56 -10.87 7.75
C HIS A 220 3.89 -11.16 9.21
N SER A 221 5.17 -11.11 9.56
N SER A 221 5.16 -11.10 9.57
CA SER A 221 5.61 -11.27 10.94
CA SER A 221 5.60 -11.28 10.94
C SER A 221 6.09 -9.98 11.58
C SER A 221 6.13 -10.00 11.58
N GLU A 222 6.69 -9.10 10.79
CA GLU A 222 7.16 -7.80 11.27
C GLU A 222 6.68 -6.72 10.32
N GLY A 223 6.85 -5.48 10.74
CA GLY A 223 6.51 -4.36 9.90
C GLY A 223 7.62 -3.97 8.95
N SER A 224 7.26 -3.21 7.92
CA SER A 224 8.21 -2.76 6.92
C SER A 224 7.80 -1.37 6.45
N MET A 225 8.79 -0.50 6.25
CA MET A 225 8.53 0.81 5.67
C MET A 225 9.75 1.26 4.88
N VAL A 226 9.54 2.22 3.99
CA VAL A 226 10.61 2.96 3.33
C VAL A 226 10.58 4.38 3.85
N LYS A 227 11.72 4.87 4.31
CA LYS A 227 11.85 6.24 4.80
C LYS A 227 12.80 6.99 3.86
N VAL A 228 12.31 8.09 3.30
CA VAL A 228 13.09 8.92 2.39
C VAL A 228 13.43 10.22 3.10
N THR A 229 14.72 10.54 3.14
CA THR A 229 15.21 11.79 3.73
C THR A 229 15.91 12.59 2.64
N PRO A 230 16.29 13.84 2.90
CA PRO A 230 17.14 14.55 1.94
C PRO A 230 18.47 13.85 1.69
N ASP A 231 18.90 12.96 2.58
CA ASP A 231 20.24 12.38 2.52
C ASP A 231 20.29 10.94 2.04
N ASP A 232 19.21 10.16 2.18
CA ASP A 232 19.29 8.74 1.85
C ASP A 232 17.89 8.18 1.65
N VAL A 233 17.83 6.89 1.30
CA VAL A 233 16.61 6.11 1.21
C VAL A 233 16.80 4.86 2.06
N GLU A 234 15.85 4.60 2.95
CA GLU A 234 16.00 3.58 3.99
C GLU A 234 14.88 2.56 3.90
N LEU A 235 15.23 1.29 3.79
CA LEU A 235 14.29 0.18 3.89
C LEU A 235 14.41 -0.40 5.29
N ILE A 236 13.34 -0.30 6.07
CA ILE A 236 13.39 -0.50 7.52
C ILE A 236 12.40 -1.60 7.91
N HIS A 237 12.85 -2.53 8.73
CA HIS A 237 12.00 -3.58 9.29
C HIS A 237 11.99 -3.45 10.81
N PHE A 238 10.79 -3.60 11.39
CA PHE A 238 10.56 -3.32 12.79
C PHE A 238 9.45 -4.24 13.30
N PRO A 239 9.45 -4.57 14.59
CA PRO A 239 8.41 -5.45 15.12
C PRO A 239 7.07 -4.74 15.27
N PHE A 240 6.01 -5.55 15.27
CA PHE A 240 4.66 -5.01 15.46
C PHE A 240 4.52 -4.35 16.82
N LEU A 241 4.83 -5.08 17.88
CA LEU A 241 4.56 -4.63 19.24
C LEU A 241 5.87 -4.31 19.97
N GLU A 242 5.73 -3.61 21.09
CA GLU A 242 6.88 -3.21 21.91
C GLU A 242 7.51 -4.45 22.53
N GLU A 243 8.63 -4.89 21.99
CA GLU A 243 9.36 -6.04 22.50
C GLU A 243 10.08 -5.61 23.79
N ASN A 244 9.40 -5.78 24.91
CA ASN A 244 9.96 -5.40 26.20
C ASN A 244 11.15 -6.29 26.54
N LEU A 245 12.32 -5.67 26.66
CA LEU A 245 13.54 -6.42 26.99
C LEU A 245 13.43 -7.03 28.38
N TYR A 246 13.93 -8.25 28.52
CA TYR A 246 14.06 -8.89 29.83
C TYR A 246 15.32 -9.73 29.82
N PHE A 247 15.83 -10.01 31.02
CA PHE A 247 17.09 -10.71 31.15
C PHE A 247 16.90 -12.13 31.68
N HIS A 250 21.87 -16.00 30.74
CA HIS A 250 22.87 -16.98 30.29
C HIS A 250 24.00 -17.12 31.31
N HIS A 251 24.98 -17.96 30.97
CA HIS A 251 26.14 -18.17 31.82
C HIS A 251 27.39 -18.28 30.95
N HIS A 252 28.54 -18.07 31.58
CA HIS A 252 29.81 -18.13 30.87
C HIS A 252 30.41 -19.53 30.94
#